data_5L33
#
_entry.id   5L33
#
_cell.length_a   28.250
_cell.length_b   34.360
_cell.length_c   100.390
_cell.angle_alpha   90.00
_cell.angle_beta   90.00
_cell.angle_gamma   90.00
#
_symmetry.space_group_name_H-M   'P 21 21 21'
#
loop_
_entity.id
_entity.type
_entity.pdbx_description
1 polymer 'denovo NTF2'
2 water water
#
_entity_poly.entity_id   1
_entity_poly.type   'polypeptide(L)'
_entity_poly.pdbx_seq_one_letter_code
;GSHMPEEEKAARLFIEALEKGDPELMRKVISPDTRMEDNGREFTGDEVVEYVKEIQKRGEQWHLRRYTKEGNSWRFEVQV
DNNGQTEQWEVQIEVRNGRIKRVTITHV
;
_entity_poly.pdbx_strand_id   A
#
# COMPACT_ATOMS: atom_id res chain seq x y z
N HIS A 3 12.00 -18.21 -0.40
CA HIS A 3 11.04 -18.14 -1.50
C HIS A 3 9.70 -17.60 -1.03
N MET A 4 9.02 -16.88 -1.90
CA MET A 4 7.78 -16.21 -1.56
C MET A 4 6.69 -16.53 -2.58
N PRO A 5 5.56 -17.09 -2.11
CA PRO A 5 4.40 -17.37 -2.98
C PRO A 5 3.92 -16.12 -3.69
N GLU A 6 3.24 -16.32 -4.82
CA GLU A 6 2.90 -15.21 -5.70
C GLU A 6 1.96 -14.20 -5.05
N GLU A 7 1.03 -14.69 -4.21
CA GLU A 7 0.07 -13.81 -3.56
C GLU A 7 0.76 -12.90 -2.55
N GLU A 8 1.61 -13.48 -1.73
CA GLU A 8 2.32 -12.71 -0.72
C GLU A 8 3.27 -11.70 -1.38
N LYS A 9 3.91 -12.14 -2.46
CA LYS A 9 4.84 -11.30 -3.21
C LYS A 9 4.18 -10.04 -3.76
N ALA A 10 2.99 -10.18 -4.32
CA ALA A 10 2.28 -9.04 -4.89
C ALA A 10 1.95 -8.00 -3.83
N ALA A 11 1.46 -8.46 -2.68
CA ALA A 11 1.12 -7.56 -1.59
C ALA A 11 2.37 -6.86 -1.07
N ARG A 12 3.47 -7.62 -1.01
CA ARG A 12 4.75 -7.08 -0.56
C ARG A 12 5.27 -6.00 -1.49
N LEU A 13 5.11 -6.19 -2.80
CA LEU A 13 5.55 -5.19 -3.76
C LEU A 13 4.75 -3.87 -3.65
N PHE A 14 3.46 -3.98 -3.34
CA PHE A 14 2.62 -2.81 -3.10
C PHE A 14 3.20 -2.01 -1.94
N ILE A 15 3.51 -2.71 -0.86
CA ILE A 15 4.06 -2.10 0.33
C ILE A 15 5.43 -1.50 0.06
N GLU A 16 6.22 -2.21 -0.75
CA GLU A 16 7.56 -1.73 -1.14
C GLU A 16 7.49 -0.42 -1.91
N ALA A 17 6.50 -0.30 -2.79
CA ALA A 17 6.32 0.92 -3.58
C ALA A 17 6.02 2.12 -2.67
N LEU A 18 5.27 1.87 -1.60
CA LEU A 18 4.98 2.90 -0.61
C LEU A 18 6.25 3.27 0.17
N GLU A 19 6.98 2.24 0.61
CA GLU A 19 8.22 2.41 1.35
C GLU A 19 9.25 3.21 0.55
N LYS A 20 9.36 2.91 -0.74
CA LYS A 20 10.31 3.58 -1.59
C LYS A 20 9.76 4.90 -2.11
N GLY A 21 8.46 5.14 -1.91
CA GLY A 21 7.82 6.32 -2.43
C GLY A 21 7.99 6.39 -3.93
N ASP A 22 7.88 5.24 -4.58
CA ASP A 22 8.23 5.13 -5.98
C ASP A 22 7.02 4.83 -6.86
N PRO A 23 6.50 5.86 -7.53
CA PRO A 23 5.32 5.70 -8.41
C PRO A 23 5.55 4.70 -9.53
N GLU A 24 6.77 4.63 -10.02
CA GLU A 24 7.07 3.68 -11.09
C GLU A 24 6.84 2.24 -10.64
N LEU A 25 7.34 1.88 -9.46
CA LEU A 25 7.08 0.53 -8.97
C LEU A 25 5.59 0.30 -8.76
N MET A 26 4.89 1.27 -8.17
CA MET A 26 3.45 1.12 -7.93
C MET A 26 2.66 0.86 -9.21
N ARG A 27 3.05 1.55 -10.28
N ARG A 27 3.05 1.55 -10.27
CA ARG A 27 2.37 1.41 -11.56
CA ARG A 27 2.37 1.43 -11.56
C ARG A 27 2.42 -0.02 -12.05
C ARG A 27 2.45 0.00 -12.08
N LYS A 28 3.54 -0.69 -11.78
CA LYS A 28 3.73 -2.08 -12.22
C LYS A 28 2.99 -3.09 -11.37
N VAL A 29 2.60 -2.71 -10.16
CA VAL A 29 1.92 -3.63 -9.24
C VAL A 29 0.40 -3.64 -9.38
N ILE A 30 -0.19 -2.47 -9.61
CA ILE A 30 -1.64 -2.34 -9.59
C ILE A 30 -2.29 -2.68 -10.94
N SER A 31 -3.62 -2.80 -10.91
CA SER A 31 -4.41 -3.05 -12.11
C SER A 31 -5.41 -1.91 -12.25
N PRO A 32 -5.97 -1.71 -13.45
CA PRO A 32 -6.93 -0.62 -13.63
C PRO A 32 -8.10 -0.66 -12.65
N ASP A 33 -8.42 -1.85 -12.13
CA ASP A 33 -9.54 -2.00 -11.18
C ASP A 33 -9.14 -2.13 -9.71
N THR A 34 -7.86 -1.95 -9.40
CA THR A 34 -7.43 -1.88 -8.00
C THR A 34 -8.11 -0.73 -7.26
N ARG A 35 -8.75 -1.01 -6.13
CA ARG A 35 -9.38 0.05 -5.35
C ARG A 35 -8.71 0.19 -3.98
N MET A 36 -8.47 1.43 -3.59
CA MET A 36 -7.82 1.71 -2.31
C MET A 36 -8.61 2.77 -1.56
N GLU A 37 -8.73 2.55 -0.26
CA GLU A 37 -9.36 3.48 0.65
C GLU A 37 -8.35 3.88 1.69
N ASP A 38 -8.21 5.18 1.91
CA ASP A 38 -7.36 5.70 2.98
C ASP A 38 -8.15 6.72 3.80
N ASN A 39 -8.56 6.31 5.01
CA ASN A 39 -9.36 7.17 5.88
C ASN A 39 -10.49 7.91 5.15
N GLY A 40 -11.31 7.20 4.40
CA GLY A 40 -12.42 7.83 3.71
C GLY A 40 -12.18 8.18 2.25
N ARG A 41 -10.95 8.60 1.92
CA ARG A 41 -10.61 8.94 0.54
C ARG A 41 -10.55 7.65 -0.28
N GLU A 42 -11.17 7.64 -1.45
CA GLU A 42 -11.14 6.45 -2.30
C GLU A 42 -10.26 6.71 -3.51
N PHE A 43 -9.50 5.69 -3.91
CA PHE A 43 -8.65 5.75 -5.10
C PHE A 43 -8.82 4.47 -5.93
N THR A 44 -8.91 4.63 -7.25
N THR A 44 -8.93 4.63 -7.24
CA THR A 44 -9.00 3.51 -8.18
CA THR A 44 -8.97 3.49 -8.16
C THR A 44 -7.97 3.64 -9.30
C THR A 44 -7.92 3.64 -9.26
N GLY A 45 -7.36 2.52 -9.69
CA GLY A 45 -6.41 2.52 -10.79
C GLY A 45 -5.26 3.51 -10.63
N ASP A 46 -5.05 4.34 -11.65
CA ASP A 46 -3.92 5.27 -11.68
C ASP A 46 -3.94 6.30 -10.56
N GLU A 47 -5.10 6.52 -9.94
CA GLU A 47 -5.16 7.35 -8.73
C GLU A 47 -4.26 6.80 -7.62
N VAL A 48 -4.14 5.48 -7.56
CA VAL A 48 -3.24 4.87 -6.59
C VAL A 48 -1.81 5.28 -6.87
N VAL A 49 -1.47 5.36 -8.15
CA VAL A 49 -0.13 5.84 -8.54
C VAL A 49 0.04 7.30 -8.14
N GLU A 50 -1.02 8.08 -8.36
CA GLU A 50 -1.01 9.49 -7.98
C GLU A 50 -0.82 9.63 -6.46
N TYR A 51 -1.46 8.75 -5.69
CA TYR A 51 -1.25 8.68 -4.23
C TYR A 51 0.23 8.54 -3.90
N VAL A 52 0.96 7.69 -4.64
CA VAL A 52 2.37 7.49 -4.35
C VAL A 52 3.18 8.73 -4.75
N LYS A 53 2.80 9.36 -5.85
CA LYS A 53 3.48 10.60 -6.23
C LYS A 53 3.41 11.63 -5.12
N GLU A 54 2.27 11.69 -4.45
CA GLU A 54 2.07 12.65 -3.38
C GLU A 54 2.88 12.31 -2.14
N ILE A 55 3.08 11.02 -1.89
CA ILE A 55 3.92 10.57 -0.78
C ILE A 55 5.34 11.05 -1.01
N GLN A 56 5.82 10.84 -2.24
CA GLN A 56 7.15 11.24 -2.65
C GLN A 56 7.31 12.77 -2.57
N LYS A 57 6.29 13.49 -3.02
CA LYS A 57 6.27 14.94 -2.94
C LYS A 57 6.38 15.46 -1.51
N ARG A 58 5.56 14.93 -0.60
CA ARG A 58 5.50 15.47 0.76
C ARG A 58 6.65 14.96 1.63
N GLY A 59 7.45 14.06 1.09
CA GLY A 59 8.54 13.45 1.82
C GLY A 59 8.09 12.52 2.94
N GLU A 60 6.86 12.02 2.84
CA GLU A 60 6.27 11.13 3.82
C GLU A 60 7.03 9.80 3.82
N GLN A 61 7.42 9.32 4.99
CA GLN A 61 8.24 8.12 5.07
C GLN A 61 7.47 6.90 5.59
N TRP A 62 7.39 5.84 4.78
CA TRP A 62 6.77 4.58 5.20
C TRP A 62 7.79 3.50 5.50
N HIS A 63 7.56 2.75 6.57
CA HIS A 63 8.45 1.63 6.90
C HIS A 63 7.62 0.43 7.36
N LEU A 64 7.76 -0.68 6.67
CA LEU A 64 7.06 -1.89 7.07
C LEU A 64 7.65 -2.44 8.37
N ARG A 65 6.79 -2.74 9.33
CA ARG A 65 7.25 -3.28 10.61
C ARG A 65 7.01 -4.78 10.71
N ARG A 66 5.75 -5.18 10.53
CA ARG A 66 5.38 -6.57 10.60
C ARG A 66 4.09 -6.85 9.88
N TYR A 67 3.85 -8.12 9.56
CA TYR A 67 2.57 -8.48 8.97
C TYR A 67 2.21 -9.92 9.14
N THR A 68 0.92 -10.18 8.93
CA THR A 68 0.33 -11.52 9.01
C THR A 68 -0.72 -11.65 7.93
N LYS A 69 -1.10 -12.88 7.62
CA LYS A 69 -2.24 -13.10 6.76
C LYS A 69 -3.46 -13.31 7.64
N GLU A 70 -4.47 -12.45 7.47
CA GLU A 70 -5.70 -12.52 8.25
C GLU A 70 -6.86 -12.87 7.33
N GLY A 71 -7.32 -14.11 7.41
CA GLY A 71 -8.32 -14.58 6.46
C GLY A 71 -7.70 -14.58 5.08
N ASN A 72 -8.36 -13.93 4.13
CA ASN A 72 -7.82 -13.85 2.78
C ASN A 72 -7.28 -12.45 2.46
N SER A 73 -6.78 -11.77 3.47
CA SER A 73 -6.08 -10.51 3.24
C SER A 73 -4.80 -10.45 4.04
N TRP A 74 -3.88 -9.65 3.55
CA TRP A 74 -2.64 -9.42 4.27
C TRP A 74 -2.74 -8.13 5.06
N ARG A 75 -2.33 -8.21 6.31
CA ARG A 75 -2.43 -7.06 7.20
C ARG A 75 -1.05 -6.59 7.58
N PHE A 76 -0.68 -5.43 7.07
CA PHE A 76 0.65 -4.85 7.30
C PHE A 76 0.57 -3.73 8.31
N GLU A 77 1.47 -3.80 9.30
CA GLU A 77 1.71 -2.73 10.26
C GLU A 77 2.85 -1.89 9.73
N VAL A 78 2.56 -0.65 9.39
N VAL A 78 2.57 -0.63 9.43
CA VAL A 78 3.57 0.21 8.83
CA VAL A 78 3.52 0.25 8.78
C VAL A 78 3.74 1.43 9.72
C VAL A 78 3.71 1.53 9.58
N GLN A 79 4.95 1.94 9.80
CA GLN A 79 5.22 3.18 10.50
C GLN A 79 5.33 4.29 9.46
N VAL A 80 4.62 5.39 9.66
CA VAL A 80 4.61 6.49 8.69
C VAL A 80 5.05 7.78 9.38
N ASP A 81 6.14 8.38 8.89
CA ASP A 81 6.70 9.58 9.50
C ASP A 81 6.61 10.76 8.55
N ASN A 82 6.37 11.93 9.11
CA ASN A 82 6.60 13.18 8.40
C ASN A 82 6.67 14.37 9.34
N ASN A 83 7.63 15.24 9.09
CA ASN A 83 7.74 16.53 9.78
C ASN A 83 7.84 16.35 11.30
N GLY A 84 8.54 15.32 11.73
CA GLY A 84 8.77 15.09 13.15
C GLY A 84 7.67 14.31 13.86
N GLN A 85 6.63 13.93 13.12
CA GLN A 85 5.57 13.14 13.72
C GLN A 85 5.57 11.71 13.18
N THR A 86 5.47 10.73 14.09
CA THR A 86 5.49 9.33 13.73
C THR A 86 4.14 8.68 14.01
N GLU A 87 3.58 7.96 13.04
CA GLU A 87 2.29 7.32 13.20
C GLU A 87 2.35 5.83 12.88
N GLN A 88 1.45 5.07 13.51
CA GLN A 88 1.26 3.66 13.21
C GLN A 88 -0.01 3.45 12.40
N TRP A 89 0.17 3.00 11.18
CA TRP A 89 -0.92 2.81 10.24
C TRP A 89 -1.09 1.33 9.97
N GLU A 90 -2.27 0.94 9.54
CA GLU A 90 -2.55 -0.44 9.17
C GLU A 90 -2.90 -0.46 7.71
N VAL A 91 -2.30 -1.39 6.96
CA VAL A 91 -2.57 -1.50 5.53
C VAL A 91 -3.06 -2.90 5.22
N GLN A 92 -4.31 -3.03 4.78
CA GLN A 92 -4.88 -4.34 4.57
C GLN A 92 -5.03 -4.58 3.08
N ILE A 93 -4.47 -5.66 2.57
CA ILE A 93 -4.47 -5.89 1.14
C ILE A 93 -5.14 -7.19 0.78
N GLU A 94 -6.13 -7.16 -0.11
CA GLU A 94 -6.69 -8.38 -0.65
C GLU A 94 -6.14 -8.62 -2.05
N VAL A 95 -5.44 -9.74 -2.22
CA VAL A 95 -4.92 -10.15 -3.51
C VAL A 95 -5.85 -11.21 -4.07
N ARG A 96 -6.55 -10.89 -5.14
CA ARG A 96 -7.42 -11.88 -5.76
C ARG A 96 -6.90 -12.20 -7.15
N ASN A 97 -6.71 -13.48 -7.42
CA ASN A 97 -6.22 -13.93 -8.73
C ASN A 97 -4.89 -13.31 -9.12
N GLY A 98 -3.95 -13.29 -8.19
CA GLY A 98 -2.63 -12.73 -8.44
C GLY A 98 -2.54 -11.22 -8.61
N ARG A 99 -3.66 -10.52 -8.47
CA ARG A 99 -3.65 -9.06 -8.66
C ARG A 99 -4.14 -8.33 -7.41
N ILE A 100 -3.71 -7.07 -7.23
CA ILE A 100 -4.15 -6.28 -6.09
C ILE A 100 -5.59 -5.86 -6.29
N LYS A 101 -6.47 -6.36 -5.43
CA LYS A 101 -7.91 -6.11 -5.63
C LYS A 101 -8.42 -4.95 -4.79
N ARG A 102 -8.14 -4.98 -3.49
CA ARG A 102 -8.64 -3.95 -2.60
C ARG A 102 -7.57 -3.66 -1.55
N VAL A 103 -7.34 -2.39 -1.28
CA VAL A 103 -6.40 -1.96 -0.26
C VAL A 103 -7.09 -1.03 0.71
N THR A 104 -6.92 -1.28 1.99
CA THR A 104 -7.54 -0.46 3.00
C THR A 104 -6.51 0.08 3.97
N ILE A 105 -6.38 1.39 4.02
CA ILE A 105 -5.41 2.03 4.91
C ILE A 105 -6.15 2.67 6.06
N THR A 106 -5.78 2.32 7.29
CA THR A 106 -6.44 2.88 8.46
C THR A 106 -5.44 3.54 9.39
N HIS A 107 -5.72 4.78 9.77
CA HIS A 107 -4.95 5.47 10.79
C HIS A 107 -5.80 6.49 11.51
N VAL A 108 -6.26 6.15 12.69
CA VAL A 108 -7.10 7.05 13.48
C VAL A 108 -6.46 7.32 14.82
#